data_3CQE
#
_entry.id   3CQE
#
_cell.length_a   69.304
_cell.length_b   69.304
_cell.length_c   157.601
_cell.angle_alpha   90.00
_cell.angle_beta   90.00
_cell.angle_gamma   90.00
#
_symmetry.space_group_name_H-M   'P 41 21 2'
#
loop_
_entity.id
_entity.type
_entity.pdbx_description
1 polymer 'Wee1-like protein kinase'
2 non-polymer 'CHLORIDE ION'
3 non-polymer 8-bromo-4-(2-chlorophenyl)-N-(2-hydroxyethyl)-6-methyl-1,3-dioxo-1,2,3,6-tetrahydropyrrolo[3,4-e]indole-7-carboxamide
4 non-polymer GLYCEROL
5 water water
#
_entity_poly.entity_id   1
_entity_poly.type   'polypeptide(L)'
_entity_poly.pdbx_seq_one_letter_code
;GAMKSRYTTEFHELEKIGSGEFGSVFKCVKRLDGCIYAIKRSKKPLAGSVDEQNALREVYAHAVLGQHSHVVRYFSAWAE
DDHMLIQNEYCNGGSLADAISENYRIMSYFKEAELKDLLLQVGRGLRYIHSMSLVHMDIKPSNIFISRTSIPNAASEEGD
EDDWASNKVMFKIGDLGHVTRISSPQVEEGDSRFLANEVLQENYTHLPKADIFALALTVVCAAGAEPLPRNGDQWHEIRQ
GRLPRIPQVLSQEFTELLKVMIHPDPERRPSAMALVKHSVLLSASRK
;
_entity_poly.pdbx_strand_id   A
#
loop_
_chem_comp.id
_chem_comp.type
_chem_comp.name
_chem_comp.formula
CL non-polymer 'CHLORIDE ION' 'Cl -1'
GOL non-polymer GLYCEROL 'C3 H8 O3'
P91 non-polymer 8-bromo-4-(2-chlorophenyl)-N-(2-hydroxyethyl)-6-methyl-1,3-dioxo-1,2,3,6-tetrahydropyrrolo[3,4-e]indole-7-carboxamide 'C20 H15 Br Cl N3 O4'
#
# COMPACT_ATOMS: atom_id res chain seq x y z
N SER A 5 24.15 -6.27 19.91
CA SER A 5 22.91 -5.90 19.12
C SER A 5 22.08 -7.11 18.62
N ARG A 6 20.76 -7.03 18.80
CA ARG A 6 19.86 -8.14 18.46
C ARG A 6 19.80 -8.35 16.96
N TYR A 7 19.76 -7.27 16.21
CA TYR A 7 19.72 -7.40 14.76
C TYR A 7 20.89 -8.19 14.22
N THR A 8 22.09 -7.88 14.71
CA THR A 8 23.32 -8.54 14.29
C THR A 8 23.39 -9.95 14.87
N THR A 9 23.00 -10.07 16.11
CA THR A 9 23.12 -11.33 16.78
C THR A 9 22.07 -12.38 16.28
N GLU A 10 20.87 -11.92 15.90
CA GLU A 10 19.76 -12.86 15.60
C GLU A 10 19.56 -13.12 14.10
N PHE A 11 20.10 -12.25 13.26
CA PHE A 11 19.89 -12.35 11.84
C PHE A 11 21.20 -12.30 11.04
N HIS A 12 21.14 -12.86 9.85
CA HIS A 12 22.24 -12.75 8.88
C HIS A 12 21.69 -11.84 7.77
N GLU A 13 22.39 -10.76 7.49
CA GLU A 13 21.87 -9.78 6.57
C GLU A 13 22.27 -10.20 5.18
N LEU A 14 21.31 -10.29 4.28
CA LEU A 14 21.56 -10.90 3.00
C LEU A 14 21.84 -9.88 1.96
N GLU A 15 21.08 -8.79 1.99
CA GLU A 15 21.02 -7.87 0.87
C GLU A 15 20.16 -6.68 1.30
N LYS A 16 20.48 -5.49 0.82
CA LYS A 16 19.62 -4.33 1.03
C LYS A 16 18.65 -4.32 -0.13
N ILE A 17 17.36 -4.24 0.17
CA ILE A 17 16.33 -4.25 -0.86
C ILE A 17 15.54 -2.95 -0.86
N GLY A 18 15.81 -2.07 0.10
CA GLY A 18 15.10 -0.79 0.20
C GLY A 18 15.93 0.29 0.91
N SER A 19 15.92 1.52 0.37
CA SER A 19 16.66 2.65 0.96
C SER A 19 15.82 3.92 0.95
N GLY A 20 15.31 4.34 2.11
CA GLY A 20 14.60 5.63 2.23
C GLY A 20 15.36 6.87 2.73
N GLU A 21 14.56 7.96 2.91
CA GLU A 21 15.01 9.13 3.64
C GLU A 21 15.34 8.80 5.09
N PHE A 22 14.32 8.23 5.81
CA PHE A 22 14.46 7.82 7.20
C PHE A 22 15.14 6.46 7.31
N GLY A 23 14.58 5.42 6.68
CA GLY A 23 15.03 4.02 6.85
C GLY A 23 15.85 3.27 5.78
N SER A 24 15.98 1.96 5.99
CA SER A 24 16.46 1.00 5.01
C SER A 24 15.82 -0.35 5.29
N VAL A 25 15.74 -1.18 4.26
CA VAL A 25 15.09 -2.48 4.37
C VAL A 25 16.03 -3.61 3.92
N PHE A 26 16.16 -4.63 4.74
CA PHE A 26 17.05 -5.71 4.41
C PHE A 26 16.32 -7.03 4.29
N LYS A 27 16.79 -7.87 3.37
CA LYS A 27 16.46 -9.27 3.33
C LYS A 27 17.45 -9.92 4.28
N CYS A 28 16.92 -10.67 5.24
CA CYS A 28 17.69 -11.35 6.29
C CYS A 28 17.13 -12.74 6.57
N VAL A 29 17.99 -13.60 7.12
CA VAL A 29 17.65 -14.93 7.56
C VAL A 29 17.76 -14.94 9.09
N LYS A 30 16.70 -15.34 9.80
CA LYS A 30 16.78 -15.44 11.26
C LYS A 30 17.68 -16.66 11.52
N ARG A 31 18.72 -16.47 12.29
CA ARG A 31 19.68 -17.56 12.49
C ARG A 31 18.96 -18.78 13.09
N LEU A 32 18.18 -18.53 14.14
CA LEU A 32 17.49 -19.62 14.87
C LEU A 32 16.45 -20.46 14.06
N ASP A 33 15.66 -19.84 13.20
CA ASP A 33 14.60 -20.57 12.50
C ASP A 33 14.84 -20.73 11.01
N GLY A 34 15.99 -20.24 10.51
CA GLY A 34 16.44 -20.55 9.13
C GLY A 34 15.61 -19.88 8.07
N CYS A 35 14.79 -18.99 8.55
CA CYS A 35 13.75 -18.48 7.75
C CYS A 35 14.04 -17.01 7.35
N ILE A 36 13.54 -16.55 6.20
CA ILE A 36 13.92 -15.23 5.65
C ILE A 36 12.87 -14.14 5.91
N TYR A 37 13.28 -12.92 6.20
CA TYR A 37 12.37 -11.88 6.63
C TYR A 37 12.84 -10.59 5.98
N ALA A 38 11.93 -9.60 5.88
CA ALA A 38 12.27 -8.22 5.50
C ALA A 38 12.30 -7.39 6.79
N ILE A 39 13.43 -6.75 7.08
CA ILE A 39 13.57 -5.95 8.26
C ILE A 39 13.87 -4.47 7.93
N LYS A 40 12.96 -3.55 8.27
CA LYS A 40 13.21 -2.13 8.07
C LYS A 40 13.91 -1.58 9.29
N ARG A 41 15.03 -0.92 9.05
CA ARG A 41 15.86 -0.38 10.15
C ARG A 41 15.80 1.11 9.92
N SER A 42 15.32 1.88 10.88
CA SER A 42 15.23 3.32 10.68
C SER A 42 15.59 4.11 11.93
N LYS A 43 15.88 5.41 11.78
CA LYS A 43 16.34 6.23 12.89
C LYS A 43 15.30 6.28 14.01
N LYS A 44 15.73 6.13 15.28
CA LYS A 44 14.81 6.24 16.44
C LYS A 44 14.49 7.69 16.74
N PRO A 45 13.24 8.13 16.48
CA PRO A 45 12.88 9.57 16.70
C PRO A 45 12.87 9.89 18.20
N LEU A 46 13.05 11.17 18.62
CA LEU A 46 13.25 11.51 20.03
C LEU A 46 12.06 11.10 20.88
N ALA A 47 12.35 10.43 22.03
CA ALA A 47 11.29 9.88 22.88
C ALA A 47 10.18 10.92 23.16
N GLY A 48 8.92 10.53 22.92
CA GLY A 48 7.76 11.41 23.14
C GLY A 48 7.64 12.62 22.23
N SER A 49 7.85 12.45 20.94
CA SER A 49 7.72 13.51 19.96
C SER A 49 6.76 13.10 18.83
N VAL A 50 6.15 14.09 18.18
CA VAL A 50 5.28 13.83 17.03
C VAL A 50 5.77 12.74 16.09
N ASP A 51 7.06 12.72 15.80
CA ASP A 51 7.59 11.73 14.83
C ASP A 51 7.61 10.33 15.47
N GLU A 52 7.83 10.29 16.79
CA GLU A 52 7.84 9.01 17.51
C GLU A 52 6.50 8.35 17.45
N GLN A 53 5.47 9.06 17.90
CA GLN A 53 4.08 8.63 17.72
C GLN A 53 3.82 8.11 16.31
N ASN A 54 4.33 8.80 15.29
CA ASN A 54 4.17 8.30 13.92
C ASN A 54 4.80 6.94 13.77
N ALA A 55 6.00 6.76 14.28
CA ALA A 55 6.62 5.46 14.10
C ALA A 55 5.90 4.39 14.93
N LEU A 56 5.49 4.72 16.16
CA LEU A 56 4.76 3.75 17.03
C LEU A 56 3.42 3.28 16.42
N ARG A 57 2.66 4.18 15.80
CA ARG A 57 1.42 3.79 15.16
C ARG A 57 1.73 2.72 14.15
N GLU A 58 2.90 2.79 13.55
CA GLU A 58 3.14 1.76 12.52
C GLU A 58 3.20 0.36 13.20
N VAL A 59 3.99 0.27 14.25
CA VAL A 59 4.12 -0.91 15.05
C VAL A 59 2.77 -1.37 15.58
N TYR A 60 1.98 -0.44 16.14
CA TYR A 60 0.63 -0.73 16.58
C TYR A 60 -0.19 -1.27 15.45
N ALA A 61 -0.10 -0.72 14.26
CA ALA A 61 -0.98 -1.20 13.21
C ALA A 61 -0.55 -2.57 12.74
N HIS A 62 0.74 -2.76 12.55
CA HIS A 62 1.20 -4.07 12.15
C HIS A 62 0.77 -5.09 13.16
N ALA A 63 0.83 -4.79 14.42
CA ALA A 63 0.44 -5.75 15.43
C ALA A 63 -1.08 -6.13 15.48
N VAL A 64 -1.96 -5.46 14.74
CA VAL A 64 -3.35 -5.90 14.80
C VAL A 64 -3.81 -6.36 13.39
N LEU A 65 -3.01 -6.03 12.39
CA LEU A 65 -3.29 -6.43 11.04
C LEU A 65 -2.38 -7.62 10.71
N GLY A 66 -2.21 -8.56 11.65
CA GLY A 66 -1.40 -9.79 11.41
C GLY A 66 -2.16 -11.09 11.12
N GLN A 67 -3.47 -11.11 11.21
CA GLN A 67 -4.13 -12.34 10.78
C GLN A 67 -4.40 -12.46 9.23
N HIS A 68 -3.96 -11.51 8.41
CA HIS A 68 -4.59 -11.51 7.08
C HIS A 68 -3.69 -11.92 5.91
N SER A 69 -4.30 -12.69 5.03
CA SER A 69 -3.65 -13.17 3.84
C SER A 69 -3.19 -12.00 2.92
N HIS A 70 -3.82 -10.83 2.99
CA HIS A 70 -3.54 -9.72 2.07
C HIS A 70 -2.93 -8.51 2.77
N VAL A 71 -2.38 -8.81 3.94
CA VAL A 71 -1.52 -7.88 4.63
C VAL A 71 -0.23 -8.62 5.01
N VAL A 72 0.93 -8.00 4.75
CA VAL A 72 2.24 -8.56 5.14
C VAL A 72 2.22 -8.92 6.61
N ARG A 73 2.57 -10.15 7.03
CA ARG A 73 2.64 -10.47 8.48
CA ARG A 73 2.67 -10.51 8.46
C ARG A 73 3.79 -9.73 9.14
N TYR A 74 3.60 -9.37 10.38
CA TYR A 74 4.54 -8.72 11.26
C TYR A 74 5.03 -9.83 12.19
N PHE A 75 6.31 -9.89 12.50
CA PHE A 75 6.80 -10.83 13.45
C PHE A 75 7.25 -10.17 14.73
N SER A 76 8.01 -9.08 14.59
CA SER A 76 8.48 -8.36 15.78
C SER A 76 8.95 -6.93 15.48
N ALA A 77 9.04 -6.12 16.52
CA ALA A 77 9.64 -4.81 16.42
C ALA A 77 10.46 -4.52 17.69
N TRP A 78 11.66 -3.98 17.52
CA TRP A 78 12.45 -3.57 18.71
C TRP A 78 13.27 -2.30 18.47
N ALA A 79 13.81 -1.72 19.54
CA ALA A 79 14.59 -0.50 19.47
C ALA A 79 15.95 -0.75 20.10
N GLU A 80 17.00 -0.39 19.34
CA GLU A 80 18.38 -0.36 19.84
C GLU A 80 19.27 0.43 18.87
N ASP A 81 20.34 1.03 19.40
CA ASP A 81 20.24 1.90 20.57
C ASP A 81 19.96 3.33 20.03
N ASP A 82 20.12 3.56 18.72
CA ASP A 82 19.61 4.78 18.12
C ASP A 82 18.77 4.42 16.88
N HIS A 83 18.45 3.13 16.75
CA HIS A 83 17.59 2.66 15.64
C HIS A 83 16.30 1.98 16.07
N MET A 84 15.30 2.07 15.22
CA MET A 84 14.08 1.31 15.41
C MET A 84 13.88 0.26 14.32
N LEU A 85 13.63 -0.99 14.71
CA LEU A 85 13.50 -2.07 13.74
C LEU A 85 12.14 -2.73 13.73
N ILE A 86 11.64 -2.99 12.53
CA ILE A 86 10.54 -3.93 12.35
C ILE A 86 10.79 -5.15 11.40
N GLN A 87 10.44 -6.33 11.90
CA GLN A 87 10.71 -7.58 11.21
C GLN A 87 9.40 -8.09 10.68
N ASN A 88 9.28 -8.06 9.35
CA ASN A 88 8.05 -8.48 8.64
C ASN A 88 8.29 -9.66 7.76
N GLU A 89 7.22 -10.25 7.31
CA GLU A 89 7.23 -11.29 6.29
C GLU A 89 8.00 -10.87 5.05
N TYR A 90 8.81 -11.77 4.51
CA TYR A 90 9.48 -11.43 3.28
C TYR A 90 8.64 -11.89 2.08
N CYS A 91 8.49 -11.03 1.06
CA CYS A 91 7.68 -11.38 -0.11
C CYS A 91 8.57 -11.63 -1.34
N ASN A 92 8.67 -12.90 -1.69
CA ASN A 92 9.62 -13.37 -2.67
C ASN A 92 9.45 -12.76 -4.07
N GLY A 93 8.30 -12.19 -4.36
CA GLY A 93 8.06 -11.65 -5.69
C GLY A 93 8.35 -10.16 -5.75
N GLY A 94 8.80 -9.59 -4.64
CA GLY A 94 9.08 -8.18 -4.61
C GLY A 94 7.86 -7.32 -4.72
N SER A 95 8.03 -6.07 -5.16
CA SER A 95 6.93 -5.14 -5.03
C SER A 95 6.14 -5.06 -6.31
N LEU A 96 4.90 -4.67 -6.18
CA LEU A 96 4.12 -4.37 -7.34
C LEU A 96 4.84 -3.30 -8.20
N ALA A 97 5.38 -2.25 -7.57
CA ALA A 97 6.15 -1.24 -8.34
C ALA A 97 7.16 -1.84 -9.27
N ASP A 98 8.00 -2.76 -8.81
CA ASP A 98 9.05 -3.27 -9.69
C ASP A 98 8.52 -4.17 -10.82
N ALA A 99 7.44 -4.88 -10.56
CA ALA A 99 6.83 -5.69 -11.58
C ALA A 99 6.27 -4.77 -12.66
N ILE A 100 5.60 -3.69 -12.24
CA ILE A 100 5.09 -2.71 -13.18
C ILE A 100 6.20 -2.04 -13.97
N SER A 101 7.36 -1.71 -13.40
CA SER A 101 8.45 -1.10 -14.27
C SER A 101 9.01 -2.08 -15.26
N GLU A 102 9.11 -3.34 -14.85
CA GLU A 102 9.64 -4.37 -15.74
C GLU A 102 8.64 -4.49 -16.89
N ASN A 103 7.36 -4.57 -16.51
CA ASN A 103 6.27 -4.63 -17.47
C ASN A 103 6.34 -3.51 -18.50
N TYR A 104 6.61 -2.31 -18.01
CA TYR A 104 6.63 -1.10 -18.80
C TYR A 104 7.78 -1.16 -19.83
N ARG A 105 8.94 -1.65 -19.40
CA ARG A 105 10.10 -1.74 -20.27
C ARG A 105 9.82 -2.78 -21.34
N ILE A 106 9.00 -3.80 -21.01
CA ILE A 106 8.73 -4.86 -22.03
C ILE A 106 7.43 -4.68 -22.86
N MET A 107 6.61 -3.71 -22.48
CA MET A 107 5.41 -3.42 -23.24
C MET A 107 4.43 -4.57 -23.09
N SER A 108 4.44 -5.18 -21.89
CA SER A 108 3.51 -6.25 -21.57
C SER A 108 2.99 -6.12 -20.17
N TYR A 109 1.78 -5.55 -20.05
CA TYR A 109 1.19 -5.26 -18.72
C TYR A 109 0.32 -6.36 -18.13
N PHE A 110 -0.26 -6.12 -16.95
CA PHE A 110 -1.21 -7.00 -16.32
C PHE A 110 -2.41 -7.15 -17.23
N LYS A 111 -2.84 -8.35 -17.52
CA LYS A 111 -4.02 -8.49 -18.39
C LYS A 111 -5.27 -8.23 -17.57
N GLU A 112 -6.42 -8.10 -18.20
CA GLU A 112 -7.63 -7.74 -17.42
C GLU A 112 -7.86 -8.75 -16.30
N ALA A 113 -7.60 -10.02 -16.54
CA ALA A 113 -7.90 -11.03 -15.56
C ALA A 113 -7.03 -10.83 -14.35
N GLU A 114 -5.79 -10.42 -14.63
CA GLU A 114 -4.78 -10.21 -13.59
C GLU A 114 -5.08 -8.98 -12.82
N LEU A 115 -5.64 -7.96 -13.49
CA LEU A 115 -5.92 -6.68 -12.84
C LEU A 115 -7.12 -6.88 -11.94
N LYS A 116 -8.11 -7.63 -12.39
CA LYS A 116 -9.27 -7.90 -11.51
C LYS A 116 -8.82 -8.60 -10.23
N ASP A 117 -7.89 -9.52 -10.43
CA ASP A 117 -7.42 -10.37 -9.37
C ASP A 117 -6.58 -9.50 -8.41
N LEU A 118 -5.81 -8.55 -8.95
CA LEU A 118 -5.05 -7.64 -8.03
C LEU A 118 -6.01 -6.78 -7.23
N LEU A 119 -7.11 -6.42 -7.85
CA LEU A 119 -8.03 -5.47 -7.23
C LEU A 119 -8.86 -6.17 -6.19
N LEU A 120 -9.33 -7.36 -6.54
CA LEU A 120 -10.00 -8.20 -5.57
C LEU A 120 -9.12 -8.44 -4.32
N GLN A 121 -7.87 -8.86 -4.51
CA GLN A 121 -7.05 -9.24 -3.37
C GLN A 121 -6.71 -8.04 -2.52
N VAL A 122 -6.23 -7.01 -3.17
CA VAL A 122 -5.90 -5.85 -2.39
C VAL A 122 -7.20 -5.35 -1.77
N GLY A 123 -8.30 -5.41 -2.52
CA GLY A 123 -9.65 -5.00 -1.97
C GLY A 123 -10.00 -5.78 -0.72
N ARG A 124 -9.66 -7.07 -0.72
CA ARG A 124 -9.84 -7.89 0.49
C ARG A 124 -8.92 -7.41 1.63
N GLY A 125 -7.71 -6.97 1.29
CA GLY A 125 -6.80 -6.48 2.34
C GLY A 125 -7.39 -5.21 2.95
N LEU A 126 -7.90 -4.32 2.11
CA LEU A 126 -8.52 -3.10 2.62
C LEU A 126 -9.75 -3.40 3.46
N ARG A 127 -10.59 -4.34 3.00
CA ARG A 127 -11.86 -4.56 3.70
C ARG A 127 -11.53 -4.86 5.13
N TYR A 128 -10.47 -5.63 5.30
CA TYR A 128 -10.04 -6.07 6.58
C TYR A 128 -9.67 -4.84 7.44
N ILE A 129 -8.69 -4.10 6.97
CA ILE A 129 -8.20 -2.89 7.60
C ILE A 129 -9.34 -2.00 7.98
N HIS A 130 -10.24 -1.74 7.06
CA HIS A 130 -11.37 -0.87 7.40
C HIS A 130 -12.30 -1.47 8.47
N SER A 131 -12.27 -2.78 8.58
CA SER A 131 -13.18 -3.39 9.55
C SER A 131 -12.47 -3.34 10.87
N MET A 132 -11.14 -3.12 10.87
CA MET A 132 -10.41 -2.90 12.16
C MET A 132 -10.49 -1.43 12.57
N SER A 133 -11.41 -0.70 11.95
CA SER A 133 -11.61 0.70 12.18
C SER A 133 -10.34 1.50 11.90
N LEU A 134 -9.56 1.07 10.91
CA LEU A 134 -8.32 1.77 10.56
C LEU A 134 -8.38 2.12 9.08
N VAL A 135 -7.39 2.86 8.56
CA VAL A 135 -7.30 3.13 7.14
C VAL A 135 -5.83 3.26 6.82
N HIS A 136 -5.44 2.90 5.61
CA HIS A 136 -4.05 2.74 5.27
C HIS A 136 -3.38 4.07 4.85
N MET A 137 -4.05 4.81 3.96
CA MET A 137 -3.65 6.17 3.60
C MET A 137 -2.41 6.30 2.74
N ASP A 138 -1.88 5.20 2.20
CA ASP A 138 -0.77 5.34 1.28
C ASP A 138 -0.66 4.11 0.38
N ILE A 139 -1.81 3.72 -0.19
CA ILE A 139 -1.85 2.57 -1.07
C ILE A 139 -1.15 2.97 -2.43
N LYS A 140 -0.17 2.20 -2.89
CA LYS A 140 0.45 2.50 -4.14
C LYS A 140 1.30 1.27 -4.45
N PRO A 141 1.76 1.15 -5.71
CA PRO A 141 2.40 -0.10 -6.07
C PRO A 141 3.64 -0.34 -5.21
N SER A 142 4.35 0.70 -4.78
CA SER A 142 5.53 0.37 -4.00
C SER A 142 5.22 -0.03 -2.54
N ASN A 143 3.94 -0.02 -2.14
CA ASN A 143 3.52 -0.50 -0.83
C ASN A 143 2.68 -1.75 -1.01
N ILE A 144 2.72 -2.34 -2.22
CA ILE A 144 2.10 -3.63 -2.39
C ILE A 144 3.11 -4.66 -2.79
N PHE A 145 3.01 -5.86 -2.21
CA PHE A 145 4.10 -6.81 -2.39
C PHE A 145 3.50 -8.11 -2.81
N ILE A 146 4.34 -8.96 -3.41
CA ILE A 146 3.85 -10.11 -4.11
C ILE A 146 4.51 -11.37 -3.57
N SER A 147 3.72 -12.40 -3.32
CA SER A 147 4.29 -13.74 -3.07
C SER A 147 3.94 -14.72 -4.16
N LYS A 168 -0.15 -19.48 -8.01
CA LYS A 168 -1.00 -18.30 -7.76
C LYS A 168 -0.27 -17.20 -6.96
N VAL A 169 -0.01 -16.03 -7.59
CA VAL A 169 0.57 -14.88 -6.88
C VAL A 169 -0.39 -14.30 -5.85
N MET A 170 0.14 -13.92 -4.69
CA MET A 170 -0.64 -13.33 -3.63
C MET A 170 -0.15 -11.91 -3.50
N PHE A 171 -1.09 -10.96 -3.51
CA PHE A 171 -0.71 -9.57 -3.31
C PHE A 171 -0.99 -9.23 -1.86
N LYS A 172 -0.06 -8.51 -1.27
CA LYS A 172 -0.11 -8.20 0.16
C LYS A 172 0.20 -6.72 0.37
N ILE A 173 -0.71 -6.02 1.04
CA ILE A 173 -0.47 -4.65 1.45
C ILE A 173 0.64 -4.54 2.53
N GLY A 174 1.61 -3.64 2.33
CA GLY A 174 2.74 -3.42 3.24
C GLY A 174 2.85 -1.94 3.58
N ASP A 175 3.93 -1.58 4.29
CA ASP A 175 4.15 -0.21 4.69
C ASP A 175 2.96 0.51 5.39
N LEU A 176 2.69 0.11 6.63
CA LEU A 176 1.63 0.71 7.41
C LEU A 176 2.05 2.04 8.01
N GLY A 177 3.09 2.66 7.45
CA GLY A 177 3.60 3.89 8.03
C GLY A 177 2.64 5.07 8.07
N HIS A 178 1.53 5.03 7.34
CA HIS A 178 0.55 6.13 7.32
C HIS A 178 -0.79 5.71 7.94
N VAL A 179 -0.87 4.45 8.35
CA VAL A 179 -2.08 3.86 8.94
C VAL A 179 -2.57 4.73 10.07
N THR A 180 -3.88 4.99 10.13
CA THR A 180 -4.43 5.79 11.26
C THR A 180 -5.86 5.32 11.54
N ARG A 181 -6.48 5.72 12.63
CA ARG A 181 -7.85 5.33 12.89
C ARG A 181 -8.79 6.04 11.92
N ILE A 182 -9.80 5.30 11.50
CA ILE A 182 -10.82 5.82 10.60
C ILE A 182 -11.39 7.22 10.95
N SER A 183 -11.62 7.52 12.22
CA SER A 183 -12.17 8.85 12.56
C SER A 183 -11.12 9.84 13.10
N SER A 184 -9.85 9.65 12.69
CA SER A 184 -8.78 10.63 12.97
C SER A 184 -9.16 12.01 12.45
N PRO A 185 -8.83 13.05 13.24
CA PRO A 185 -9.07 14.43 12.88
C PRO A 185 -7.79 15.10 12.40
N GLN A 186 -6.68 14.44 12.57
CA GLN A 186 -5.38 14.78 12.00
C GLN A 186 -4.82 13.63 11.17
N VAL A 187 -4.26 13.89 10.03
CA VAL A 187 -3.80 12.85 9.09
C VAL A 187 -2.51 13.23 8.38
N GLU A 188 -1.53 12.33 8.28
CA GLU A 188 -0.47 12.50 7.27
C GLU A 188 -0.86 11.93 5.88
N GLU A 189 -0.75 12.76 4.83
CA GLU A 189 -1.07 12.35 3.44
C GLU A 189 -0.13 11.33 2.84
N GLY A 190 -0.69 10.40 2.07
CA GLY A 190 0.16 9.50 1.30
C GLY A 190 0.68 10.26 0.09
N ASP A 191 1.35 9.52 -0.79
CA ASP A 191 2.02 10.01 -1.97
C ASP A 191 1.04 10.84 -2.75
N SER A 192 1.45 11.99 -3.22
CA SER A 192 0.48 12.80 -3.96
C SER A 192 -0.02 12.17 -5.26
N ARG A 193 0.79 11.34 -5.89
CA ARG A 193 0.36 10.68 -7.11
C ARG A 193 -0.94 9.91 -6.86
N PHE A 194 -1.21 9.53 -5.61
CA PHE A 194 -2.32 8.59 -5.37
C PHE A 194 -3.42 9.14 -4.46
N LEU A 195 -3.31 10.45 -4.21
CA LEU A 195 -4.04 11.14 -3.16
C LEU A 195 -5.38 11.72 -3.63
N ALA A 196 -6.46 11.35 -2.94
CA ALA A 196 -7.76 11.82 -3.35
C ALA A 196 -7.72 13.29 -3.05
N ASN A 197 -8.48 14.11 -3.76
CA ASN A 197 -8.53 15.53 -3.46
C ASN A 197 -9.16 15.85 -2.09
N GLU A 198 -10.23 15.16 -1.72
CA GLU A 198 -10.92 15.56 -0.51
C GLU A 198 -9.93 15.47 0.65
N VAL A 199 -9.02 14.51 0.59
CA VAL A 199 -7.98 14.42 1.63
C VAL A 199 -7.01 15.63 1.53
N LEU A 200 -6.50 15.89 0.31
CA LEU A 200 -5.72 17.11 0.10
C LEU A 200 -6.42 18.35 0.71
N GLN A 201 -7.75 18.43 0.60
CA GLN A 201 -8.49 19.59 1.13
C GLN A 201 -8.84 19.42 2.62
N GLU A 202 -8.05 18.61 3.32
CA GLU A 202 -8.29 18.33 4.73
C GLU A 202 -9.74 17.96 5.09
N ASN A 203 -10.44 17.29 4.17
CA ASN A 203 -11.75 16.73 4.49
C ASN A 203 -11.65 15.22 4.82
N TYR A 204 -11.84 14.87 6.08
CA TYR A 204 -11.63 13.49 6.50
C TYR A 204 -12.91 12.76 6.92
N THR A 205 -14.06 13.09 6.32
CA THR A 205 -15.33 12.34 6.57
C THR A 205 -15.34 10.88 6.03
N HIS A 206 -14.63 10.59 4.93
CA HIS A 206 -14.76 9.29 4.31
C HIS A 206 -13.39 8.80 3.92
N LEU A 207 -12.56 8.52 4.94
CA LEU A 207 -11.17 8.15 4.71
C LEU A 207 -11.07 6.80 4.04
N PRO A 208 -11.94 5.85 4.41
CA PRO A 208 -11.85 4.53 3.79
C PRO A 208 -11.83 4.71 2.29
N LYS A 209 -12.59 5.69 1.81
CA LYS A 209 -12.66 5.93 0.37
C LYS A 209 -11.38 6.52 -0.22
N ALA A 210 -10.50 7.08 0.59
CA ALA A 210 -9.16 7.49 0.10
C ALA A 210 -8.37 6.29 -0.37
N ASP A 211 -8.53 5.18 0.35
CA ASP A 211 -7.83 3.95 -0.04
C ASP A 211 -8.44 3.40 -1.33
N ILE A 212 -9.75 3.57 -1.47
CA ILE A 212 -10.41 3.09 -2.66
C ILE A 212 -9.89 3.85 -3.88
N PHE A 213 -9.88 5.18 -3.78
CA PHE A 213 -9.30 6.03 -4.79
C PHE A 213 -7.88 5.53 -5.15
N ALA A 214 -7.01 5.36 -4.13
CA ALA A 214 -5.60 4.98 -4.42
C ALA A 214 -5.49 3.58 -5.04
N LEU A 215 -6.40 2.71 -4.68
CA LEU A 215 -6.36 1.34 -5.19
C LEU A 215 -6.59 1.40 -6.68
N ALA A 216 -7.62 2.16 -7.08
CA ALA A 216 -7.92 2.29 -8.52
C ALA A 216 -6.69 2.80 -9.29
N LEU A 217 -6.04 3.81 -8.77
CA LEU A 217 -4.88 4.36 -9.48
C LEU A 217 -3.75 3.32 -9.58
N THR A 218 -3.54 2.61 -8.47
CA THR A 218 -2.62 1.48 -8.42
C THR A 218 -2.93 0.49 -9.54
N VAL A 219 -4.19 0.11 -9.66
CA VAL A 219 -4.57 -0.80 -10.73
C VAL A 219 -4.41 -0.19 -12.10
N VAL A 220 -4.71 1.11 -12.25
CA VAL A 220 -4.41 1.84 -13.49
C VAL A 220 -2.91 1.73 -13.89
N CYS A 221 -2.02 1.94 -12.93
CA CYS A 221 -0.56 1.75 -13.13
C CYS A 221 -0.29 0.32 -13.58
N ALA A 222 -0.91 -0.64 -12.87
CA ALA A 222 -0.75 -2.05 -13.22
C ALA A 222 -1.13 -2.31 -14.65
N ALA A 223 -2.10 -1.58 -15.18
CA ALA A 223 -2.56 -1.79 -16.56
C ALA A 223 -1.63 -1.25 -17.66
N GLY A 224 -0.71 -0.34 -17.32
CA GLY A 224 0.37 0.06 -18.23
C GLY A 224 0.36 1.55 -18.51
N ALA A 225 -0.37 2.28 -17.67
CA ALA A 225 -0.45 3.75 -17.80
C ALA A 225 0.94 4.32 -17.65
N GLU A 226 1.17 5.50 -18.26
CA GLU A 226 2.32 6.38 -17.88
C GLU A 226 2.44 6.68 -16.34
N PRO A 227 3.68 6.96 -15.85
CA PRO A 227 3.89 7.39 -14.48
C PRO A 227 2.83 8.44 -14.13
N LEU A 228 2.20 8.35 -12.97
CA LEU A 228 1.16 9.31 -12.58
C LEU A 228 1.76 10.65 -12.22
N PRO A 229 1.01 11.73 -12.46
CA PRO A 229 1.53 13.06 -12.21
C PRO A 229 1.34 13.47 -10.75
N ARG A 230 2.25 14.31 -10.32
CA ARG A 230 2.36 14.72 -8.94
C ARG A 230 1.59 15.98 -8.68
N ASN A 231 1.50 16.83 -9.69
CA ASN A 231 0.81 18.08 -9.53
C ASN A 231 0.50 18.61 -10.91
N GLY A 232 0.05 19.86 -10.97
CA GLY A 232 -0.19 20.49 -12.26
C GLY A 232 -1.49 20.00 -12.88
N ASP A 233 -1.76 20.52 -14.08
CA ASP A 233 -3.06 20.33 -14.74
C ASP A 233 -3.55 18.86 -14.76
N GLN A 234 -2.67 17.91 -15.16
CA GLN A 234 -3.04 16.46 -15.28
C GLN A 234 -3.36 15.82 -13.91
N TRP A 235 -2.78 16.37 -12.85
CA TRP A 235 -3.12 15.91 -11.51
C TRP A 235 -4.60 16.19 -11.21
N HIS A 236 -5.09 17.38 -11.59
CA HIS A 236 -6.48 17.75 -11.35
C HIS A 236 -7.51 17.02 -12.19
N GLU A 237 -7.20 16.81 -13.48
CA GLU A 237 -8.10 16.08 -14.39
C GLU A 237 -8.55 14.76 -13.75
N ILE A 238 -7.60 13.95 -13.32
CA ILE A 238 -7.90 12.68 -12.70
C ILE A 238 -8.79 12.89 -11.49
N ARG A 239 -8.55 13.97 -10.78
CA ARG A 239 -9.26 14.16 -9.54
C ARG A 239 -10.72 14.62 -9.82
N GLN A 240 -10.96 15.06 -11.06
CA GLN A 240 -12.30 15.22 -11.66
C GLN A 240 -12.97 13.87 -11.93
N GLY A 241 -12.24 12.78 -11.72
CA GLY A 241 -12.78 11.44 -12.02
C GLY A 241 -12.58 10.97 -13.45
N ARG A 242 -11.54 11.49 -14.10
CA ARG A 242 -11.19 11.08 -15.45
C ARG A 242 -10.02 10.09 -15.44
N LEU A 243 -10.19 8.88 -15.96
CA LEU A 243 -9.09 7.90 -15.95
C LEU A 243 -7.92 8.32 -16.86
N PRO A 244 -6.67 8.11 -16.39
CA PRO A 244 -5.51 8.18 -17.29
C PRO A 244 -5.61 7.20 -18.45
N ARG A 245 -5.09 7.59 -19.59
CA ARG A 245 -4.96 6.66 -20.67
C ARG A 245 -4.40 5.31 -20.18
N ILE A 246 -5.11 4.22 -20.51
CA ILE A 246 -4.67 2.83 -20.30
C ILE A 246 -4.36 2.16 -21.64
N PRO A 247 -3.11 1.72 -21.82
CA PRO A 247 -2.67 1.29 -23.14
C PRO A 247 -3.23 -0.06 -23.54
N GLN A 248 -4.36 -0.47 -22.96
CA GLN A 248 -4.93 -1.71 -23.46
C GLN A 248 -6.45 -1.74 -23.35
N VAL A 249 -7.03 -2.67 -24.09
CA VAL A 249 -8.46 -2.87 -24.09
C VAL A 249 -8.96 -3.58 -22.80
N LEU A 250 -9.65 -2.83 -21.95
CA LEU A 250 -10.35 -3.36 -20.79
C LEU A 250 -11.87 -3.36 -21.07
N SER A 251 -12.59 -4.38 -20.61
CA SER A 251 -14.06 -4.37 -20.73
C SER A 251 -14.66 -3.03 -20.19
N GLN A 252 -15.83 -2.65 -20.68
CA GLN A 252 -16.46 -1.37 -20.30
C GLN A 252 -16.89 -1.45 -18.85
N GLU A 253 -17.33 -2.63 -18.46
CA GLU A 253 -17.78 -2.79 -17.10
C GLU A 253 -16.60 -2.53 -16.15
N PHE A 254 -15.49 -3.18 -16.45
CA PHE A 254 -14.35 -3.02 -15.57
C PHE A 254 -13.85 -1.57 -15.56
N THR A 255 -13.77 -0.95 -16.72
CA THR A 255 -13.43 0.47 -16.81
C THR A 255 -14.43 1.31 -15.97
N GLU A 256 -15.72 0.96 -16.01
CA GLU A 256 -16.70 1.68 -15.20
C GLU A 256 -16.39 1.53 -13.72
N LEU A 257 -16.09 0.29 -13.30
CA LEU A 257 -15.75 0.05 -11.87
C LEU A 257 -14.60 0.97 -11.48
N LEU A 258 -13.59 0.96 -12.32
CA LEU A 258 -12.42 1.79 -12.16
C LEU A 258 -12.77 3.27 -12.04
N LYS A 259 -13.65 3.76 -12.89
CA LYS A 259 -14.01 5.19 -12.90
C LYS A 259 -14.74 5.64 -11.66
N VAL A 260 -15.61 4.77 -11.17
CA VAL A 260 -16.44 5.10 -10.06
C VAL A 260 -15.54 5.06 -8.83
N MET A 261 -14.40 4.38 -8.98
CA MET A 261 -13.48 4.27 -7.85
C MET A 261 -12.70 5.57 -7.67
N ILE A 262 -12.64 6.38 -8.74
CA ILE A 262 -11.98 7.65 -8.64
C ILE A 262 -12.97 8.79 -8.73
N HIS A 263 -14.23 8.52 -8.41
CA HIS A 263 -15.26 9.56 -8.48
C HIS A 263 -14.97 10.74 -7.52
N PRO A 264 -15.16 12.00 -7.99
CA PRO A 264 -14.89 13.14 -7.09
C PRO A 264 -15.67 13.07 -5.78
N ASP A 265 -16.89 12.53 -5.81
CA ASP A 265 -17.68 12.36 -4.61
C ASP A 265 -17.30 11.08 -3.86
N PRO A 266 -16.48 11.19 -2.81
CA PRO A 266 -16.02 9.96 -2.15
C PRO A 266 -17.17 9.02 -1.74
N GLU A 267 -18.37 9.55 -1.52
CA GLU A 267 -19.47 8.70 -1.07
C GLU A 267 -19.93 7.80 -2.20
N ARG A 268 -19.67 8.24 -3.44
CA ARG A 268 -20.02 7.48 -4.63
C ARG A 268 -19.06 6.31 -4.93
N ARG A 269 -17.91 6.26 -4.25
CA ARG A 269 -16.95 5.16 -4.49
C ARG A 269 -17.38 3.98 -3.62
N PRO A 270 -17.11 2.74 -4.07
CA PRO A 270 -17.71 1.67 -3.24
C PRO A 270 -16.86 1.37 -2.04
N SER A 271 -17.46 1.06 -0.92
CA SER A 271 -16.61 0.59 0.17
C SER A 271 -15.77 -0.63 -0.29
N ALA A 272 -14.80 -1.02 0.54
CA ALA A 272 -14.00 -2.19 0.22
C ALA A 272 -14.95 -3.40 0.22
N MET A 273 -15.90 -3.40 1.13
CA MET A 273 -16.80 -4.51 1.15
C MET A 273 -17.58 -4.60 -0.18
N ALA A 274 -18.09 -3.47 -0.68
CA ALA A 274 -18.85 -3.45 -1.92
C ALA A 274 -17.92 -3.96 -3.00
N LEU A 275 -16.70 -3.42 -2.98
CA LEU A 275 -15.65 -3.76 -3.93
C LEU A 275 -15.44 -5.26 -4.09
N VAL A 276 -15.27 -5.99 -3.01
CA VAL A 276 -15.00 -7.39 -3.20
C VAL A 276 -16.24 -8.18 -3.54
N LYS A 277 -17.43 -7.62 -3.32
CA LYS A 277 -18.69 -8.33 -3.70
C LYS A 277 -19.19 -7.87 -5.07
N HIS A 278 -18.41 -7.05 -5.75
CA HIS A 278 -18.83 -6.48 -7.02
C HIS A 278 -18.86 -7.56 -8.12
N SER A 279 -19.91 -7.57 -8.94
CA SER A 279 -20.10 -8.64 -9.94
C SER A 279 -18.89 -8.79 -10.91
N VAL A 280 -18.38 -7.63 -11.33
CA VAL A 280 -17.24 -7.54 -12.21
C VAL A 280 -16.07 -8.31 -11.61
N LEU A 281 -16.04 -8.47 -10.28
CA LEU A 281 -14.97 -9.24 -9.60
C LEU A 281 -15.30 -10.73 -9.36
N LEU A 282 -16.50 -11.18 -9.73
CA LEU A 282 -16.82 -12.60 -9.66
C LEU A 282 -16.48 -13.31 -10.96
CL CL B . 4.72 3.47 -6.54
C1 P91 C . 9.77 -3.11 2.01
C2 P91 C . 9.08 -3.68 3.09
C3 P91 C . 8.70 -5.03 3.08
C4 P91 C . 9.07 -5.81 1.99
C5 P91 C . 8.56 -7.10 2.28
C6 P91 C . 7.98 -5.91 3.92
C7 P91 C . 8.69 -2.82 4.25
O1 P91 C . 8.67 -8.18 1.57
O2 P91 C . 7.45 -5.54 5.04
O3 P91 C . 10.93 -5.55 -5.68
O4 P91 C . 11.41 -3.83 -3.03
C8 P91 C . 9.05 -3.12 5.57
N1 P91 C . 7.87 -7.17 3.47
C9 P91 C . 8.65 -2.25 6.60
C10 P91 C . 7.88 -1.09 6.32
C11 P91 C . 7.53 -0.77 5.00
C22 P91 C . 11.63 -4.83 -2.37
N3 P91 C . 12.34 -5.86 -2.91
C17 P91 C . 12.97 -5.89 -4.27
C18 P91 C . 12.01 -6.47 -5.33
C16 P91 C . 10.98 -4.71 -1.02
C15 P91 C . 10.30 -5.78 -0.28
BR P91 C . 10.07 -7.61 -0.99
N2 P91 C . 10.88 -3.59 -0.23
C21 P91 C . 11.41 -2.24 -0.55
C14 P91 C . 10.18 -3.88 0.92
C13 P91 C . 9.81 -5.24 0.92
C12 P91 C . 7.93 -1.64 3.98
CL P91 C . 10.02 -4.56 5.99
C1 GOL D . 2.50 -2.28 -15.64
O1 GOL D . 2.34 -3.69 -15.95
C2 GOL D . 3.01 -1.18 -16.66
O2 GOL D . 4.36 -1.51 -16.85
C3 GOL D . 3.22 0.27 -16.12
O3 GOL D . 2.24 1.33 -16.19
#